data_4G26
#
_entry.id   4G26
#
_cell.length_a   41.790
_cell.length_b   111.883
_cell.length_c   140.073
_cell.angle_alpha   90.00
_cell.angle_beta   90.00
_cell.angle_gamma   90.00
#
_symmetry.space_group_name_H-M   'P 21 21 21'
#
loop_
_entity.id
_entity.type
_entity.pdbx_description
1 polymer 'Pentatricopeptide repeat-containing protein At2g32230, mitochondrial'
2 non-polymer 'ZINC ION'
3 non-polymer 'CALCIUM ION'
4 water water
#
_entity_poly.entity_id   1
_entity_poly.type   'polypeptide(L)'
_entity_poly.pdbx_seq_one_letter_code
;GAGHMASPSENLSRKAKKKAIQQSPEALLKQKLDMCSKKGDVLEALRLYDEARRNGVQLSQYHYNVLLYVCSLAEAATES
SPNPGLSRGFDIFKQMIVDKVVPNEATFTNGARLAVAKDDPEMAFDMVKQMKAFGIQPRLRSYGPALFGFCRKGDADKAY
EVDAHMVESEVVPEEPELAALLKVSMDTKNADKVYKTLQRLRDLVRQVSKSTFDMIEEWFKSEVATKTGVKKWDVKKIRD
AVVSGGGGWHGQGWLGTGKWNVKRTEMDENGVCKCCKEKLVCIDINPVETETFAASLTRLACEREVKANFNQFQEWLERH
GPFDAVIDGANMGLVNQRSFSFFQLNNTVQRCQQISPSKRLPLVILHKSRVNGGPATYPKNRALLEKWKNAGALYATPPG
SNDDWYWLYAAVSCKCLLVTNDEMRDHLFQLLGNSFFPRWKEKHQVRISVTREDGLKLNMPPPYSIVIQESEDGTWHVPM
SVEDDLQTSRQWLCAKRSKTP
;
_entity_poly.pdbx_strand_id   A
#
loop_
_chem_comp.id
_chem_comp.type
_chem_comp.name
_chem_comp.formula
CA non-polymer 'CALCIUM ION' 'Ca 2'
ZN non-polymer 'ZINC ION' 'Zn 2'
#
# COMPACT_ATOMS: atom_id res chain seq x y z
N SER A 24 27.94 3.80 36.60
CA SER A 24 27.21 2.57 36.16
C SER A 24 27.80 2.06 34.84
N PRO A 25 28.20 0.76 34.78
CA PRO A 25 28.95 0.18 33.64
C PRO A 25 28.13 0.02 32.36
N GLU A 26 26.92 -0.51 32.45
CA GLU A 26 26.03 -0.58 31.29
C GLU A 26 25.66 0.83 30.80
N ALA A 27 25.48 1.77 31.74
CA ALA A 27 25.23 3.18 31.38
C ALA A 27 26.48 3.84 30.79
N LEU A 28 27.67 3.35 31.14
CA LEU A 28 28.92 3.89 30.58
C LEU A 28 29.16 3.40 29.15
N LEU A 29 28.97 2.09 28.90
CA LEU A 29 29.08 1.53 27.54
C LEU A 29 28.07 2.22 26.60
N LYS A 30 26.86 2.46 27.09
CA LYS A 30 25.86 3.27 26.37
C LYS A 30 26.45 4.60 25.94
N GLN A 31 26.91 5.41 26.90
CA GLN A 31 27.56 6.69 26.62
C GLN A 31 28.69 6.58 25.62
N LYS A 32 29.49 5.53 25.75
CA LYS A 32 30.69 5.37 24.94
C LYS A 32 30.39 4.84 23.55
N LEU A 33 29.34 4.02 23.43
CA LEU A 33 28.88 3.58 22.10
C LEU A 33 28.03 4.66 21.40
N ASP A 34 27.29 5.48 22.15
CA ASP A 34 26.59 6.62 21.55
C ASP A 34 27.61 7.52 20.86
N MET A 35 28.70 7.82 21.56
CA MET A 35 29.79 8.55 20.95
C MET A 35 30.49 7.71 19.92
N CYS A 36 30.63 6.42 20.22
CA CYS A 36 31.31 5.49 19.33
C CYS A 36 30.26 4.64 18.55
N SER A 37 29.69 5.18 17.48
CA SER A 37 30.13 6.46 16.98
C SER A 37 29.16 7.25 16.09
N LYS A 38 28.98 8.50 16.50
CA LYS A 38 28.64 9.58 15.59
C LYS A 38 29.92 9.89 14.79
N LYS A 39 31.05 9.48 15.35
CA LYS A 39 32.35 9.60 14.69
C LYS A 39 32.48 8.67 13.47
N GLY A 40 31.90 7.47 13.52
CA GLY A 40 32.08 6.46 12.48
C GLY A 40 33.13 5.40 12.81
N ASP A 41 33.57 5.34 14.07
CA ASP A 41 34.69 4.46 14.47
C ASP A 41 34.20 3.03 14.76
N VAL A 42 34.37 2.15 13.78
CA VAL A 42 33.89 0.77 13.88
C VAL A 42 34.88 -0.08 14.64
N LEU A 43 36.17 0.11 14.36
CA LEU A 43 37.27 -0.58 15.06
C LEU A 43 37.23 -0.35 16.61
N GLU A 44 36.73 0.82 17.04
CA GLU A 44 36.62 1.14 18.45
C GLU A 44 35.33 0.58 19.05
N ALA A 45 34.23 0.67 18.30
CA ALA A 45 32.99 -0.01 18.69
C ALA A 45 33.24 -1.50 18.91
N LEU A 46 34.04 -2.12 18.05
CA LEU A 46 34.36 -3.57 18.16
C LEU A 46 35.33 -3.90 19.31
N ARG A 47 36.19 -2.92 19.68
CA ARG A 47 37.08 -3.00 20.84
C ARG A 47 36.25 -2.93 22.11
N LEU A 48 35.34 -1.95 22.17
CA LEU A 48 34.45 -1.77 23.31
C LEU A 48 33.48 -2.94 23.54
N TYR A 49 33.03 -3.54 22.45
CA TYR A 49 32.18 -4.74 22.52
C TYR A 49 32.96 -5.81 23.27
N ASP A 50 34.19 -6.08 22.79
CA ASP A 50 35.06 -7.18 23.26
C ASP A 50 35.49 -6.95 24.71
N GLU A 51 35.59 -5.69 25.09
CA GLU A 51 36.00 -5.28 26.41
C GLU A 51 34.88 -5.50 27.42
N ALA A 52 33.65 -5.14 27.05
CA ALA A 52 32.47 -5.37 27.88
C ALA A 52 32.33 -6.85 28.24
N ARG A 53 32.69 -7.73 27.30
CA ARG A 53 32.61 -9.16 27.50
C ARG A 53 33.73 -9.66 28.40
N ARG A 54 34.88 -9.00 28.36
CA ARG A 54 35.98 -9.30 29.30
C ARG A 54 35.72 -8.70 30.68
N ASN A 55 34.87 -7.69 30.75
CA ASN A 55 34.47 -7.13 32.04
C ASN A 55 33.22 -7.80 32.60
N GLY A 56 32.57 -8.63 31.80
CA GLY A 56 31.33 -9.32 32.21
C GLY A 56 30.13 -8.36 32.29
N VAL A 57 30.18 -7.25 31.55
CA VAL A 57 29.05 -6.30 31.45
C VAL A 57 28.06 -6.81 30.37
N GLN A 58 26.82 -7.05 30.76
CA GLN A 58 25.80 -7.62 29.85
C GLN A 58 25.34 -6.56 28.86
N LEU A 59 25.51 -6.84 27.56
CA LEU A 59 25.01 -5.95 26.52
C LEU A 59 23.48 -6.01 26.43
N SER A 60 22.84 -4.84 26.46
CA SER A 60 21.39 -4.73 26.36
C SER A 60 20.94 -4.50 24.92
N GLN A 61 19.64 -4.47 24.73
CA GLN A 61 19.02 -4.12 23.45
C GLN A 61 19.67 -2.89 22.81
N TYR A 62 19.82 -1.83 23.61
CA TYR A 62 20.37 -0.58 23.12
C TYR A 62 21.82 -0.72 22.66
N HIS A 63 22.63 -1.42 23.45
CA HIS A 63 24.05 -1.59 23.08
C HIS A 63 24.14 -2.35 21.79
N TYR A 64 23.41 -3.47 21.73
CA TYR A 64 23.43 -4.32 20.55
C TYR A 64 22.97 -3.57 19.28
N ASN A 65 21.90 -2.78 19.40
CA ASN A 65 21.41 -1.99 18.25
C ASN A 65 22.41 -0.97 17.74
N VAL A 66 23.04 -0.22 18.65
CA VAL A 66 24.05 0.78 18.26
C VAL A 66 25.21 0.06 17.58
N LEU A 67 25.56 -1.09 18.12
CA LEU A 67 26.69 -1.86 17.59
C LEU A 67 26.37 -2.36 16.16
N LEU A 68 25.14 -2.86 15.97
CA LEU A 68 24.69 -3.30 14.62
C LEU A 68 24.64 -2.18 13.61
N TYR A 69 24.18 -1.01 14.04
CA TYR A 69 24.20 0.18 13.17
C TYR A 69 25.63 0.56 12.76
N VAL A 70 26.54 0.59 13.73
CA VAL A 70 27.88 1.05 13.48
C VAL A 70 28.60 0.07 12.52
N CYS A 71 28.43 -1.24 12.73
CA CYS A 71 29.02 -2.23 11.79
C CYS A 71 28.48 -2.06 10.35
N SER A 72 27.28 -1.50 10.23
CA SER A 72 26.64 -1.20 8.94
C SER A 72 27.44 -0.29 8.04
N LEU A 73 28.27 0.54 8.65
CA LEU A 73 28.98 1.59 7.93
C LEU A 73 30.22 1.03 7.26
N ALA A 74 30.62 -0.17 7.63
CA ALA A 74 31.72 -0.83 6.93
C ALA A 74 31.22 -1.01 5.49
N GLU A 75 32.16 -1.16 4.56
CA GLU A 75 31.78 -1.27 3.16
C GLU A 75 32.40 -2.55 2.70
N ALA A 76 31.89 -3.10 1.61
CA ALA A 76 32.36 -4.42 1.18
C ALA A 76 33.68 -4.25 0.46
N ALA A 77 34.66 -5.07 0.82
CA ALA A 77 36.00 -4.98 0.23
C ALA A 77 36.06 -5.59 -1.18
N THR A 78 36.18 -4.72 -2.20
CA THR A 78 36.25 -5.19 -3.59
C THR A 78 37.58 -5.89 -3.89
N GLU A 79 38.66 -5.48 -3.22
CA GLU A 79 39.98 -6.07 -3.44
C GLU A 79 40.24 -7.22 -2.47
N SER A 80 40.32 -6.91 -1.19
CA SER A 80 40.73 -7.90 -0.19
C SER A 80 39.59 -8.81 0.25
N SER A 81 39.89 -9.76 1.15
CA SER A 81 38.86 -10.55 1.83
C SER A 81 38.04 -9.66 2.80
N PRO A 82 36.83 -10.10 3.22
CA PRO A 82 35.89 -9.24 3.98
C PRO A 82 36.45 -8.50 5.21
N ASN A 83 35.98 -7.27 5.42
CA ASN A 83 36.38 -6.45 6.57
C ASN A 83 35.75 -6.91 7.88
N PRO A 84 36.46 -6.75 9.01
CA PRO A 84 35.92 -7.22 10.30
C PRO A 84 34.57 -6.58 10.67
N GLY A 85 34.33 -5.34 10.22
CA GLY A 85 33.13 -4.61 10.59
C GLY A 85 31.85 -5.33 10.14
N LEU A 86 31.76 -5.63 8.84
CA LEU A 86 30.57 -6.33 8.30
C LEU A 86 30.59 -7.76 8.83
N SER A 87 31.70 -8.46 8.61
CA SER A 87 31.87 -9.85 9.04
C SER A 87 31.52 -10.07 10.54
N ARG A 88 32.07 -9.25 11.43
CA ARG A 88 31.79 -9.37 12.87
C ARG A 88 30.38 -8.88 13.21
N GLY A 89 29.84 -8.00 12.37
CA GLY A 89 28.45 -7.54 12.55
C GLY A 89 27.44 -8.68 12.54
N PHE A 90 27.60 -9.64 11.64
CA PHE A 90 26.73 -10.84 11.63
C PHE A 90 26.95 -11.68 12.90
N ASP A 91 28.19 -11.75 13.37
CA ASP A 91 28.50 -12.48 14.61
C ASP A 91 27.76 -11.87 15.78
N ILE A 92 27.76 -10.55 15.83
CA ILE A 92 27.11 -9.78 16.92
C ILE A 92 25.59 -9.95 16.89
N PHE A 93 25.02 -9.92 15.70
CA PHE A 93 23.60 -10.19 15.53
C PHE A 93 23.27 -11.58 16.05
N LYS A 94 24.07 -12.56 15.63
CA LYS A 94 23.89 -13.94 16.07
C LYS A 94 23.89 -14.06 17.59
N GLN A 95 24.82 -13.35 18.24
CA GLN A 95 24.95 -13.41 19.70
C GLN A 95 23.79 -12.76 20.41
N MET A 96 23.29 -11.66 19.87
CA MET A 96 22.17 -10.95 20.48
C MET A 96 20.96 -11.88 20.64
N ILE A 97 20.69 -12.66 19.59
CA ILE A 97 19.61 -13.63 19.58
C ILE A 97 19.91 -14.78 20.55
N VAL A 98 21.12 -15.32 20.47
CA VAL A 98 21.56 -16.37 21.42
C VAL A 98 21.38 -15.90 22.86
N ASP A 99 21.75 -14.65 23.15
CA ASP A 99 21.57 -14.03 24.49
C ASP A 99 20.09 -13.80 24.88
N LYS A 100 19.19 -14.05 23.94
CA LYS A 100 17.75 -13.81 24.13
C LYS A 100 17.38 -12.34 24.40
N VAL A 101 18.19 -11.40 23.94
CA VAL A 101 17.84 -9.97 23.97
C VAL A 101 16.76 -9.74 22.89
N VAL A 102 15.68 -9.06 23.26
CA VAL A 102 14.54 -8.91 22.33
C VAL A 102 14.86 -7.89 21.23
N PRO A 103 14.60 -8.26 19.96
CA PRO A 103 14.73 -7.25 18.90
C PRO A 103 13.52 -6.32 18.88
N ASN A 104 13.76 -5.04 18.68
CA ASN A 104 12.71 -4.07 18.42
C ASN A 104 12.90 -3.55 16.99
N GLU A 105 12.12 -2.56 16.59
CA GLU A 105 12.10 -2.17 15.17
C GLU A 105 13.50 -1.74 14.69
N ALA A 106 14.26 -1.03 15.52
CA ALA A 106 15.63 -0.65 15.14
C ALA A 106 16.53 -1.88 14.88
N THR A 107 16.29 -2.98 15.58
CA THR A 107 17.12 -4.18 15.41
C THR A 107 16.96 -4.70 13.98
N PHE A 108 15.71 -4.82 13.52
CA PHE A 108 15.43 -5.35 12.17
C PHE A 108 15.97 -4.44 11.08
N THR A 109 15.91 -3.14 11.30
CA THR A 109 16.41 -2.15 10.33
C THR A 109 17.92 -2.20 10.21
N ASN A 110 18.62 -2.13 11.35
CA ASN A 110 20.10 -2.21 11.35
C ASN A 110 20.59 -3.56 10.86
N GLY A 111 19.91 -4.63 11.30
CA GLY A 111 20.20 -5.98 10.80
C GLY A 111 20.14 -6.04 9.28
N ALA A 112 19.12 -5.42 8.71
CA ALA A 112 18.94 -5.37 7.25
C ALA A 112 19.99 -4.49 6.54
N ARG A 113 20.33 -3.35 7.14
CA ARG A 113 21.36 -2.48 6.59
C ARG A 113 22.68 -3.23 6.46
N LEU A 114 23.01 -3.97 7.53
CA LEU A 114 24.20 -4.79 7.58
C LEU A 114 24.16 -5.84 6.48
N ALA A 115 23.03 -6.55 6.37
CA ALA A 115 22.82 -7.52 5.28
C ALA A 115 22.98 -6.89 3.89
N VAL A 116 22.41 -5.69 3.69
CA VAL A 116 22.49 -5.00 2.39
C VAL A 116 23.92 -4.58 2.05
N ALA A 117 24.63 -4.03 3.05
CA ALA A 117 26.04 -3.59 2.89
C ALA A 117 26.97 -4.73 2.51
N LYS A 118 26.78 -5.88 3.16
CA LYS A 118 27.58 -7.08 2.87
C LYS A 118 27.20 -7.66 1.51
N ASP A 119 25.92 -7.53 1.14
CA ASP A 119 25.40 -8.12 -0.08
C ASP A 119 25.79 -9.59 -0.27
N ASP A 120 25.62 -10.40 0.77
CA ASP A 120 25.75 -11.85 0.68
C ASP A 120 24.36 -12.42 0.94
N PRO A 121 23.62 -12.76 -0.15
CA PRO A 121 22.23 -13.22 0.06
C PRO A 121 22.16 -14.43 1.02
N GLU A 122 23.15 -15.30 0.96
CA GLU A 122 23.13 -16.53 1.79
C GLU A 122 23.24 -16.19 3.28
N MET A 123 24.06 -15.19 3.57
CA MET A 123 24.24 -14.71 4.94
C MET A 123 23.00 -13.96 5.45
N ALA A 124 22.40 -13.13 4.59
CA ALA A 124 21.11 -12.47 4.90
C ALA A 124 20.02 -13.51 5.20
N PHE A 125 19.90 -14.54 4.37
CA PHE A 125 18.93 -15.62 4.59
C PHE A 125 19.21 -16.37 5.92
N ASP A 126 20.50 -16.57 6.24
CA ASP A 126 20.89 -17.17 7.54
C ASP A 126 20.32 -16.36 8.71
N MET A 127 20.40 -15.02 8.63
CA MET A 127 19.86 -14.16 9.69
C MET A 127 18.37 -14.44 9.90
N VAL A 128 17.63 -14.57 8.79
CA VAL A 128 16.19 -14.85 8.87
C VAL A 128 15.91 -16.24 9.42
N LYS A 129 16.67 -17.24 9.02
CA LYS A 129 16.51 -18.61 9.57
C LYS A 129 16.74 -18.62 11.09
N GLN A 130 17.71 -17.86 11.58
CA GLN A 130 17.97 -17.89 13.04
C GLN A 130 16.91 -17.13 13.86
N MET A 131 16.40 -16.01 13.36
CA MET A 131 15.20 -15.39 13.91
C MET A 131 14.05 -16.41 14.09
N LYS A 132 13.80 -17.22 13.06
CA LYS A 132 12.71 -18.19 13.10
C LYS A 132 13.03 -19.28 14.14
N ALA A 133 14.23 -19.87 14.06
CA ALA A 133 14.68 -20.86 15.06
C ALA A 133 14.46 -20.38 16.51
N PHE A 134 14.63 -19.08 16.75
CA PHE A 134 14.42 -18.50 18.10
C PHE A 134 13.04 -17.84 18.30
N GLY A 135 12.06 -18.22 17.47
CA GLY A 135 10.69 -17.75 17.62
C GLY A 135 10.45 -16.26 17.41
N ILE A 136 11.34 -15.61 16.67
CA ILE A 136 11.21 -14.17 16.37
C ILE A 136 10.61 -13.99 14.99
N GLN A 137 9.73 -13.02 14.83
CA GLN A 137 9.01 -12.83 13.55
C GLN A 137 9.86 -11.91 12.68
N PRO A 138 10.32 -12.43 11.54
CA PRO A 138 11.10 -11.55 10.67
C PRO A 138 10.20 -10.46 10.06
N ARG A 139 10.79 -9.33 9.66
CA ARG A 139 10.05 -8.27 8.99
C ARG A 139 10.29 -8.37 7.51
N LEU A 140 9.46 -7.69 6.72
CA LEU A 140 9.65 -7.65 5.28
C LEU A 140 11.06 -7.15 4.91
N ARG A 141 11.53 -6.08 5.58
CA ARG A 141 12.88 -5.56 5.31
C ARG A 141 14.04 -6.55 5.66
N SER A 142 13.77 -7.54 6.53
CA SER A 142 14.74 -8.62 6.82
C SER A 142 14.90 -9.53 5.61
N TYR A 143 13.82 -9.76 4.88
CA TYR A 143 13.86 -10.67 3.72
C TYR A 143 14.48 -10.07 2.47
N GLY A 144 14.41 -8.74 2.36
CA GLY A 144 14.89 -8.02 1.20
C GLY A 144 16.29 -8.37 0.74
N PRO A 145 17.30 -8.21 1.62
CA PRO A 145 18.69 -8.45 1.12
C PRO A 145 18.91 -9.87 0.64
N ALA A 146 18.24 -10.85 1.25
CA ALA A 146 18.24 -12.24 0.74
C ALA A 146 17.55 -12.37 -0.62
N LEU A 147 16.28 -11.99 -0.70
CA LEU A 147 15.53 -12.17 -1.95
C LEU A 147 16.18 -11.45 -3.14
N PHE A 148 16.44 -10.14 -2.96
CA PHE A 148 17.06 -9.31 -3.99
C PHE A 148 18.46 -9.78 -4.34
N GLY A 149 19.19 -10.29 -3.35
CA GLY A 149 20.53 -10.82 -3.60
C GLY A 149 20.45 -12.00 -4.55
N PHE A 150 19.64 -13.01 -4.21
CA PHE A 150 19.49 -14.17 -5.12
C PHE A 150 18.95 -13.82 -6.52
N CYS A 151 18.00 -12.89 -6.59
CA CYS A 151 17.42 -12.46 -7.86
C CYS A 151 18.47 -11.76 -8.74
N ARG A 152 19.31 -10.92 -8.14
CA ARG A 152 20.40 -10.28 -8.89
C ARG A 152 21.39 -11.30 -9.46
N LYS A 153 21.57 -12.43 -8.78
CA LYS A 153 22.50 -13.48 -9.23
C LYS A 153 21.85 -14.47 -10.18
N GLY A 154 20.56 -14.28 -10.50
CA GLY A 154 19.83 -15.19 -11.38
C GLY A 154 19.52 -16.51 -10.70
N ASP A 155 19.67 -16.56 -9.37
CA ASP A 155 19.45 -17.84 -8.68
C ASP A 155 17.96 -18.02 -8.25
N ALA A 156 17.15 -18.52 -9.19
CA ALA A 156 15.72 -18.63 -8.99
C ALA A 156 15.43 -19.59 -7.86
N ASP A 157 16.13 -20.72 -7.83
CA ASP A 157 15.83 -21.74 -6.84
C ASP A 157 15.96 -21.18 -5.43
N LYS A 158 16.98 -20.36 -5.22
CA LYS A 158 17.20 -19.76 -3.89
C LYS A 158 16.17 -18.64 -3.59
N ALA A 159 15.91 -17.79 -4.57
CA ALA A 159 14.82 -16.79 -4.45
C ALA A 159 13.47 -17.46 -4.07
N TYR A 160 13.11 -18.57 -4.72
CA TYR A 160 11.88 -19.28 -4.34
C TYR A 160 11.92 -19.85 -2.90
N GLU A 161 13.10 -20.25 -2.43
CA GLU A 161 13.23 -20.65 -1.03
C GLU A 161 12.92 -19.50 -0.09
N VAL A 162 13.48 -18.32 -0.39
CA VAL A 162 13.27 -17.15 0.46
C VAL A 162 11.79 -16.81 0.46
N ASP A 163 11.20 -16.83 -0.74
CA ASP A 163 9.78 -16.52 -0.88
C ASP A 163 8.94 -17.53 -0.08
N ALA A 164 9.22 -18.83 -0.23
CA ALA A 164 8.50 -19.84 0.59
C ALA A 164 8.65 -19.56 2.08
N HIS A 165 9.82 -19.12 2.49
CA HIS A 165 10.06 -18.80 3.91
C HIS A 165 9.25 -17.62 4.36
N MET A 166 9.20 -16.58 3.54
CA MET A 166 8.37 -15.40 3.82
C MET A 166 6.92 -15.82 3.97
N VAL A 167 6.45 -16.63 3.03
CA VAL A 167 5.05 -17.05 3.03
C VAL A 167 4.78 -17.82 4.31
N GLU A 168 5.71 -18.68 4.70
CA GLU A 168 5.51 -19.45 5.92
C GLU A 168 5.48 -18.56 7.17
N SER A 169 6.31 -17.52 7.23
CA SER A 169 6.27 -16.59 8.34
C SER A 169 5.11 -15.58 8.24
N GLU A 170 4.20 -15.73 7.27
CA GLU A 170 3.06 -14.79 7.09
C GLU A 170 3.50 -13.33 6.90
N VAL A 171 4.61 -13.14 6.20
CA VAL A 171 5.09 -11.79 5.88
C VAL A 171 4.63 -11.56 4.43
N VAL A 172 3.89 -10.48 4.20
CA VAL A 172 3.30 -10.23 2.87
C VAL A 172 4.26 -9.41 2.01
N PRO A 173 4.58 -9.88 0.79
CA PRO A 173 5.42 -9.10 -0.13
C PRO A 173 4.72 -7.86 -0.67
N GLU A 174 5.52 -6.86 -1.04
CA GLU A 174 5.03 -5.65 -1.70
C GLU A 174 5.49 -5.72 -3.15
N GLU A 175 5.20 -4.69 -3.93
CA GLU A 175 5.56 -4.72 -5.35
C GLU A 175 7.06 -5.01 -5.69
N PRO A 176 8.03 -4.37 -5.00
CA PRO A 176 9.45 -4.66 -5.29
C PRO A 176 9.82 -6.15 -5.14
N GLU A 177 9.30 -6.82 -4.12
CA GLU A 177 9.57 -8.27 -3.94
C GLU A 177 8.94 -9.11 -5.06
N LEU A 178 7.71 -8.78 -5.39
CA LEU A 178 6.99 -9.49 -6.45
C LEU A 178 7.63 -9.28 -7.81
N ALA A 179 8.06 -8.04 -8.08
CA ALA A 179 8.71 -7.68 -9.33
C ALA A 179 10.05 -8.43 -9.48
N ALA A 180 10.79 -8.57 -8.39
CA ALA A 180 12.04 -9.30 -8.43
C ALA A 180 11.76 -10.77 -8.74
N LEU A 181 10.75 -11.34 -8.08
CA LEU A 181 10.36 -12.74 -8.33
C LEU A 181 9.90 -12.93 -9.78
N LEU A 182 9.14 -11.95 -10.28
CA LEU A 182 8.70 -11.97 -11.67
C LEU A 182 9.91 -11.99 -12.61
N LYS A 183 10.88 -11.09 -12.39
CA LYS A 183 12.05 -11.02 -13.30
C LYS A 183 12.90 -12.31 -13.28
N VAL A 184 13.13 -12.86 -12.09
CA VAL A 184 13.92 -14.07 -11.99
C VAL A 184 13.25 -15.29 -12.64
N SER A 185 11.92 -15.30 -12.60
CA SER A 185 11.11 -16.34 -13.28
C SER A 185 11.20 -16.17 -14.79
N MET A 186 11.15 -14.93 -15.26
CA MET A 186 11.36 -14.66 -16.69
C MET A 186 12.78 -15.07 -17.12
N ASP A 187 13.80 -14.63 -16.39
CA ASP A 187 15.19 -15.01 -16.72
C ASP A 187 15.45 -16.52 -16.80
N THR A 188 14.79 -17.28 -15.94
CA THR A 188 15.00 -18.74 -15.92
C THR A 188 13.91 -19.50 -16.66
N LYS A 189 13.13 -18.78 -17.48
CA LYS A 189 12.18 -19.40 -18.39
C LYS A 189 11.07 -20.17 -17.69
N ASN A 190 10.64 -19.69 -16.52
CA ASN A 190 9.69 -20.45 -15.70
C ASN A 190 8.27 -19.88 -15.86
N ALA A 191 7.51 -20.43 -16.83
CA ALA A 191 6.20 -19.88 -17.21
C ALA A 191 5.22 -19.99 -16.04
N ASP A 192 5.35 -21.05 -15.25
CA ASP A 192 4.41 -21.27 -14.17
C ASP A 192 4.65 -20.26 -13.05
N LYS A 193 5.92 -19.99 -12.72
CA LYS A 193 6.22 -18.97 -11.70
C LYS A 193 5.80 -17.57 -12.18
N VAL A 194 5.98 -17.30 -13.46
CA VAL A 194 5.50 -16.02 -14.00
C VAL A 194 3.97 -15.94 -13.76
N TYR A 195 3.23 -16.99 -14.11
CA TYR A 195 1.78 -16.95 -13.96
C TYR A 195 1.38 -16.69 -12.49
N LYS A 196 1.98 -17.45 -11.59
CA LYS A 196 1.68 -17.33 -10.18
C LYS A 196 2.01 -15.95 -9.64
N THR A 197 3.13 -15.38 -10.09
CA THR A 197 3.56 -14.05 -9.60
C THR A 197 2.65 -12.96 -10.12
N LEU A 198 2.18 -13.12 -11.35
CA LEU A 198 1.26 -12.19 -11.94
C LEU A 198 -0.08 -12.22 -11.15
N GLN A 199 -0.50 -13.41 -10.72
CA GLN A 199 -1.72 -13.50 -9.88
C GLN A 199 -1.49 -12.84 -8.50
N ARG A 200 -0.28 -12.95 -7.97
CA ARG A 200 0.02 -12.27 -6.72
C ARG A 200 0.04 -10.74 -6.92
N LEU A 201 0.57 -10.27 -8.05
CA LEU A 201 0.50 -8.82 -8.38
C LEU A 201 -0.96 -8.35 -8.41
N ARG A 202 -1.83 -9.13 -9.07
CA ARG A 202 -3.27 -8.82 -9.12
C ARG A 202 -3.85 -8.70 -7.72
N ASP A 203 -3.57 -9.70 -6.86
CA ASP A 203 -4.20 -9.83 -5.56
C ASP A 203 -3.71 -8.75 -4.58
N LEU A 204 -2.42 -8.45 -4.62
CA LEU A 204 -1.79 -7.62 -3.58
C LEU A 204 -1.51 -6.17 -3.98
N VAL A 205 -1.26 -5.93 -5.27
CA VAL A 205 -0.77 -4.64 -5.78
C VAL A 205 -1.83 -3.93 -6.67
N ARG A 206 -2.53 -4.73 -7.49
CA ARG A 206 -3.64 -4.28 -8.35
CA ARG A 206 -3.62 -4.32 -8.36
C ARG A 206 -3.18 -3.53 -9.59
N GLN A 207 -2.44 -2.44 -9.41
CA GLN A 207 -1.95 -1.60 -10.51
C GLN A 207 -0.45 -1.51 -10.36
N VAL A 208 0.28 -1.67 -11.44
CA VAL A 208 1.72 -1.90 -11.35
C VAL A 208 2.51 -0.64 -11.74
N SER A 209 3.72 -0.49 -11.17
CA SER A 209 4.58 0.64 -11.49
C SER A 209 5.08 0.57 -12.97
N LYS A 210 5.66 1.67 -13.46
CA LYS A 210 6.17 1.72 -14.81
C LYS A 210 7.13 0.55 -15.09
N SER A 211 8.04 0.30 -14.16
CA SER A 211 9.07 -0.72 -14.39
C SER A 211 8.48 -2.11 -14.37
N THR A 212 7.53 -2.40 -13.48
CA THR A 212 6.82 -3.69 -13.52
C THR A 212 5.97 -3.85 -14.81
N PHE A 213 5.28 -2.78 -15.19
CA PHE A 213 4.52 -2.72 -16.45
C PHE A 213 5.42 -3.09 -17.66
N ASP A 214 6.59 -2.45 -17.77
CA ASP A 214 7.51 -2.74 -18.88
C ASP A 214 7.96 -4.21 -18.86
N MET A 215 8.19 -4.73 -17.65
CA MET A 215 8.57 -6.13 -17.43
C MET A 215 7.47 -7.08 -17.93
N ILE A 216 6.22 -6.77 -17.61
CA ILE A 216 5.11 -7.62 -17.98
C ILE A 216 4.92 -7.58 -19.51
N GLU A 217 5.07 -6.40 -20.10
CA GLU A 217 5.05 -6.28 -21.56
C GLU A 217 6.12 -7.17 -22.18
N GLU A 218 7.35 -7.12 -21.66
CA GLU A 218 8.42 -7.98 -22.20
C GLU A 218 8.02 -9.46 -22.10
N TRP A 219 7.43 -9.85 -20.97
CA TRP A 219 7.00 -11.25 -20.80
C TRP A 219 6.07 -11.67 -21.94
N PHE A 220 5.01 -10.90 -22.16
CA PHE A 220 4.00 -11.31 -23.10
C PHE A 220 4.50 -11.35 -24.51
N LYS A 221 5.50 -10.50 -24.84
CA LYS A 221 6.10 -10.57 -26.20
C LYS A 221 7.17 -11.65 -26.34
N SER A 222 7.51 -12.32 -25.24
CA SER A 222 8.66 -13.22 -25.25
C SER A 222 8.39 -14.61 -25.86
N GLU A 223 9.48 -15.25 -26.25
CA GLU A 223 9.41 -16.60 -26.77
C GLU A 223 8.74 -17.60 -25.81
N VAL A 224 9.08 -17.56 -24.52
CA VAL A 224 8.49 -18.49 -23.57
C VAL A 224 6.97 -18.29 -23.47
N ALA A 225 6.53 -17.03 -23.51
CA ALA A 225 5.11 -16.74 -23.43
C ALA A 225 4.42 -17.25 -24.68
N THR A 226 5.05 -17.04 -25.85
CA THR A 226 4.53 -17.52 -27.10
C THR A 226 4.31 -19.04 -27.02
N LYS A 227 5.25 -19.76 -26.40
CA LYS A 227 5.24 -21.20 -26.43
C LYS A 227 4.54 -21.85 -25.25
N THR A 228 3.95 -21.05 -24.38
CA THR A 228 3.19 -21.63 -23.26
C THR A 228 1.70 -21.50 -23.52
N GLY A 229 0.92 -22.46 -23.05
CA GLY A 229 -0.53 -22.37 -23.14
C GLY A 229 -1.17 -23.70 -23.47
N VAL A 230 -2.49 -23.76 -23.56
CA VAL A 230 -3.19 -25.00 -23.95
C VAL A 230 -4.21 -24.68 -25.03
N LYS A 231 -4.32 -25.55 -26.03
CA LYS A 231 -5.23 -25.31 -27.17
C LYS A 231 -6.69 -25.50 -26.77
N LYS A 232 -6.94 -26.35 -25.79
CA LYS A 232 -8.29 -26.67 -25.37
C LYS A 232 -8.34 -26.91 -23.85
N TRP A 233 -9.47 -26.61 -23.23
CA TRP A 233 -9.54 -26.70 -21.80
C TRP A 233 -10.95 -26.85 -21.30
N ASP A 234 -11.09 -27.26 -20.04
CA ASP A 234 -12.41 -27.41 -19.46
C ASP A 234 -13.06 -26.03 -19.18
N VAL A 235 -13.91 -25.59 -20.10
CA VAL A 235 -14.63 -24.32 -19.96
C VAL A 235 -15.50 -24.23 -18.69
N LYS A 236 -16.09 -25.36 -18.30
CA LYS A 236 -16.83 -25.45 -17.03
C LYS A 236 -15.92 -25.15 -15.84
N LYS A 237 -14.74 -25.73 -15.83
CA LYS A 237 -13.78 -25.52 -14.75
C LYS A 237 -13.38 -24.03 -14.68
N ILE A 238 -13.24 -23.36 -15.83
CA ILE A 238 -12.88 -21.91 -15.84
C ILE A 238 -14.02 -21.10 -15.25
N ARG A 239 -15.23 -21.33 -15.75
CA ARG A 239 -16.43 -20.62 -15.28
C ARG A 239 -16.56 -20.79 -13.77
N ASP A 240 -16.41 -22.01 -13.26
CA ASP A 240 -16.51 -22.23 -11.81
C ASP A 240 -15.39 -21.51 -11.00
N ALA A 241 -14.18 -21.46 -11.57
CA ALA A 241 -13.08 -20.73 -10.94
C ALA A 241 -13.37 -19.21 -10.89
N VAL A 242 -14.02 -18.70 -11.93
CA VAL A 242 -14.37 -17.28 -11.96
C VAL A 242 -15.33 -16.97 -10.82
N VAL A 243 -16.33 -17.83 -10.61
CA VAL A 243 -17.27 -17.62 -9.49
C VAL A 243 -16.56 -17.72 -8.17
N SER A 244 -15.79 -18.78 -7.99
CA SER A 244 -15.01 -19.01 -6.76
C SER A 244 -14.05 -17.85 -6.38
N GLY A 245 -13.41 -17.22 -7.38
CA GLY A 245 -12.37 -16.22 -7.08
C GLY A 245 -12.89 -14.80 -6.73
N GLY A 246 -14.18 -14.56 -6.91
CA GLY A 246 -14.78 -13.25 -6.66
C GLY A 246 -14.96 -12.38 -7.90
N GLY A 247 -14.42 -12.81 -9.05
CA GLY A 247 -14.62 -12.09 -10.31
C GLY A 247 -13.30 -11.51 -10.86
N GLY A 248 -13.15 -11.45 -12.19
CA GLY A 248 -12.03 -10.73 -12.81
C GLY A 248 -10.74 -11.54 -13.01
N TRP A 249 -10.81 -12.86 -12.77
CA TRP A 249 -9.69 -13.78 -12.94
C TRP A 249 -10.18 -15.17 -12.71
N HIS A 250 -9.38 -16.16 -13.11
CA HIS A 250 -9.71 -17.57 -12.85
C HIS A 250 -8.61 -18.40 -12.23
N GLY A 251 -7.34 -18.08 -12.52
CA GLY A 251 -6.23 -18.70 -11.85
C GLY A 251 -5.90 -20.12 -12.32
N GLN A 252 -6.53 -20.56 -13.40
CA GLN A 252 -6.35 -21.94 -13.88
C GLN A 252 -5.20 -22.16 -14.85
N GLY A 253 -4.44 -21.12 -15.15
CA GLY A 253 -3.27 -21.28 -16.04
C GLY A 253 -3.38 -20.51 -17.35
N TRP A 254 -2.27 -20.45 -18.09
CA TRP A 254 -2.24 -19.82 -19.41
C TRP A 254 -3.18 -20.52 -20.37
N LEU A 255 -4.01 -19.78 -21.09
CA LEU A 255 -4.94 -20.39 -22.06
C LEU A 255 -4.64 -19.87 -23.46
N GLY A 256 -4.95 -20.69 -24.45
CA GLY A 256 -4.73 -20.32 -25.85
C GLY A 256 -3.33 -20.72 -26.23
N THR A 257 -2.99 -20.53 -27.51
CA THR A 257 -1.66 -20.89 -28.00
C THR A 257 -1.12 -19.81 -28.93
N GLY A 258 0.19 -19.82 -29.13
CA GLY A 258 0.85 -18.96 -30.11
C GLY A 258 1.19 -17.57 -29.61
N LYS A 259 1.73 -16.79 -30.53
CA LYS A 259 2.13 -15.41 -30.28
C LYS A 259 1.04 -14.60 -29.55
N TRP A 260 1.44 -13.76 -28.60
CA TRP A 260 0.50 -12.76 -28.01
C TRP A 260 0.50 -11.48 -28.82
N ASN A 261 -0.67 -10.88 -29.06
CA ASN A 261 -0.71 -9.48 -29.51
C ASN A 261 -0.74 -8.58 -28.28
N VAL A 262 0.25 -7.73 -28.16
CA VAL A 262 0.50 -7.02 -26.93
C VAL A 262 0.49 -5.53 -27.27
N LYS A 263 -0.47 -4.77 -26.75
CA LYS A 263 -0.61 -3.35 -27.12
C LYS A 263 -0.75 -2.47 -25.90
N ARG A 264 -0.14 -1.29 -25.95
CA ARG A 264 -0.40 -0.30 -24.87
C ARG A 264 -1.66 0.43 -25.32
N THR A 265 -2.64 0.52 -24.42
CA THR A 265 -3.95 1.04 -24.78
C THR A 265 -4.55 1.76 -23.56
N GLU A 266 -5.86 2.09 -23.62
CA GLU A 266 -6.59 2.77 -22.62
C GLU A 266 -7.95 2.14 -22.51
N MET A 267 -8.62 2.32 -21.38
CA MET A 267 -10.01 1.94 -21.24
C MET A 267 -10.81 3.21 -21.43
N ASP A 268 -11.95 3.10 -22.11
CA ASP A 268 -12.87 4.25 -22.16
C ASP A 268 -13.62 4.29 -20.81
N GLU A 269 -14.46 5.29 -20.65
CA GLU A 269 -15.09 5.59 -19.37
C GLU A 269 -15.91 4.42 -18.81
N ASN A 270 -16.33 3.49 -19.67
CA ASN A 270 -17.17 2.34 -19.26
C ASN A 270 -16.39 1.05 -19.04
N GLY A 271 -15.07 1.12 -19.13
CA GLY A 271 -14.22 -0.03 -18.90
C GLY A 271 -14.01 -0.90 -20.12
N VAL A 272 -14.28 -0.35 -21.30
CA VAL A 272 -14.07 -1.05 -22.55
C VAL A 272 -12.67 -0.78 -23.11
N CYS A 273 -11.91 -1.85 -23.33
CA CYS A 273 -10.55 -1.77 -23.87
C CYS A 273 -10.59 -1.19 -25.29
N LYS A 274 -9.82 -0.14 -25.55
CA LYS A 274 -9.85 0.49 -26.88
C LYS A 274 -9.18 -0.39 -27.96
N CYS A 275 -8.33 -1.32 -27.54
CA CYS A 275 -7.66 -2.24 -28.44
C CYS A 275 -8.60 -3.38 -28.89
N CYS A 276 -9.12 -4.17 -27.94
CA CYS A 276 -9.86 -5.40 -28.27
C CYS A 276 -11.36 -5.38 -27.96
N LYS A 277 -11.83 -4.29 -27.36
CA LYS A 277 -13.25 -4.06 -27.05
C LYS A 277 -13.80 -4.98 -25.95
N GLU A 278 -12.92 -5.63 -25.18
CA GLU A 278 -13.40 -6.34 -24.02
C GLU A 278 -13.87 -5.30 -23.00
N LYS A 279 -15.02 -5.57 -22.40
CA LYS A 279 -15.49 -4.76 -21.27
C LYS A 279 -14.99 -5.37 -19.96
N LEU A 280 -14.15 -4.63 -19.25
CA LEU A 280 -13.69 -5.11 -17.93
C LEU A 280 -14.80 -5.27 -16.88
N VAL A 281 -14.53 -6.11 -15.91
CA VAL A 281 -15.46 -6.47 -14.84
C VAL A 281 -15.40 -5.42 -13.70
N CYS A 282 -16.56 -5.18 -13.09
CA CYS A 282 -16.64 -4.46 -11.80
C CYS A 282 -16.70 -5.52 -10.69
N ILE A 283 -15.63 -5.63 -9.90
CA ILE A 283 -15.48 -6.72 -8.93
C ILE A 283 -16.11 -6.34 -7.59
N ASP A 284 -17.01 -7.18 -7.10
CA ASP A 284 -17.73 -6.90 -5.84
C ASP A 284 -16.78 -6.88 -4.65
N ILE A 285 -17.14 -6.09 -3.64
CA ILE A 285 -16.55 -6.15 -2.32
C ILE A 285 -17.49 -6.92 -1.41
N ASN A 286 -16.96 -7.93 -0.72
CA ASN A 286 -17.72 -8.73 0.21
C ASN A 286 -18.09 -7.86 1.41
N PRO A 287 -19.40 -7.79 1.75
CA PRO A 287 -19.83 -6.96 2.91
C PRO A 287 -19.16 -7.37 4.23
N VAL A 288 -18.75 -8.64 4.37
CA VAL A 288 -18.08 -9.06 5.59
C VAL A 288 -16.72 -8.35 5.76
N GLU A 289 -15.96 -8.25 4.66
CA GLU A 289 -14.70 -7.52 4.67
C GLU A 289 -14.92 -6.06 5.07
N THR A 290 -16.02 -5.47 4.59
CA THR A 290 -16.34 -4.09 4.93
C THR A 290 -16.62 -3.95 6.43
N GLU A 291 -17.35 -4.92 7.01
CA GLU A 291 -17.66 -4.78 8.44
CA GLU A 291 -17.66 -4.96 8.47
C GLU A 291 -16.35 -4.99 9.25
N THR A 292 -15.47 -5.88 8.81
CA THR A 292 -14.19 -6.05 9.48
C THR A 292 -13.42 -4.75 9.43
N PHE A 293 -13.42 -4.12 8.25
CA PHE A 293 -12.69 -2.88 8.07
C PHE A 293 -13.27 -1.73 8.93
N ALA A 294 -14.59 -1.62 9.02
CA ALA A 294 -15.25 -0.59 9.86
C ALA A 294 -14.84 -0.75 11.32
N ALA A 295 -14.76 -2.00 11.79
CA ALA A 295 -14.31 -2.26 13.16
C ALA A 295 -12.87 -1.79 13.37
N SER A 296 -12.00 -2.10 12.42
CA SER A 296 -10.57 -1.72 12.47
C SER A 296 -10.40 -0.21 12.48
N LEU A 297 -11.19 0.44 11.66
CA LEU A 297 -11.16 1.87 11.52
C LEU A 297 -11.57 2.54 12.85
N THR A 298 -12.60 2.00 13.48
CA THR A 298 -13.05 2.52 14.77
C THR A 298 -12.00 2.32 15.85
N ARG A 299 -11.40 1.12 15.88
CA ARG A 299 -10.30 0.85 16.83
C ARG A 299 -9.14 1.86 16.68
N LEU A 300 -8.71 2.07 15.44
CA LEU A 300 -7.58 2.95 15.13
C LEU A 300 -7.87 4.42 15.47
N ALA A 301 -9.09 4.85 15.16
CA ALA A 301 -9.46 6.22 15.41
C ALA A 301 -9.44 6.45 16.93
N CYS A 302 -9.99 5.49 17.69
CA CYS A 302 -10.06 5.65 19.15
C CYS A 302 -8.69 5.56 19.84
N GLU A 303 -7.72 4.95 19.16
CA GLU A 303 -6.35 4.91 19.67
C GLU A 303 -5.67 6.28 19.57
N ARG A 304 -6.11 7.09 18.61
CA ARG A 304 -5.43 8.35 18.29
C ARG A 304 -6.23 9.59 18.70
N GLU A 305 -7.54 9.55 18.50
CA GLU A 305 -8.42 10.59 18.99
C GLU A 305 -8.64 10.48 20.48
N VAL A 306 -9.12 11.58 21.08
CA VAL A 306 -9.72 11.52 22.40
C VAL A 306 -10.95 10.61 22.25
N LYS A 307 -11.02 9.54 23.03
CA LYS A 307 -12.04 8.52 22.79
C LYS A 307 -13.46 9.09 22.90
N ALA A 308 -13.68 9.93 23.93
CA ALA A 308 -14.97 10.57 24.09
C ALA A 308 -15.40 11.41 22.88
N ASN A 309 -14.45 12.06 22.19
CA ASN A 309 -14.72 12.86 21.02
C ASN A 309 -15.19 12.01 19.87
N PHE A 310 -14.49 10.90 19.64
CA PHE A 310 -14.85 10.03 18.53
C PHE A 310 -16.17 9.32 18.83
N ASN A 311 -16.33 8.82 20.05
CA ASN A 311 -17.59 8.22 20.51
C ASN A 311 -18.81 9.17 20.36
N GLN A 312 -18.59 10.43 20.68
CA GLN A 312 -19.64 11.42 20.59
C GLN A 312 -20.11 11.55 19.11
N PHE A 313 -19.16 11.50 18.18
CA PHE A 313 -19.48 11.53 16.77
C PHE A 313 -20.23 10.27 16.36
N GLN A 314 -19.77 9.11 16.87
CA GLN A 314 -20.44 7.85 16.54
C GLN A 314 -21.91 7.89 16.94
N GLU A 315 -22.13 8.39 18.14
CA GLU A 315 -23.48 8.47 18.71
C GLU A 315 -24.33 9.44 17.90
N TRP A 316 -23.76 10.61 17.58
CA TRP A 316 -24.43 11.56 16.70
C TRP A 316 -24.79 10.95 15.35
N LEU A 317 -23.85 10.24 14.74
CA LEU A 317 -24.09 9.73 13.42
C LEU A 317 -25.26 8.68 13.46
N GLU A 318 -25.32 7.88 14.51
CA GLU A 318 -26.36 6.88 14.68
C GLU A 318 -27.75 7.54 14.69
N ARG A 319 -27.83 8.82 15.10
CA ARG A 319 -29.06 9.55 15.19
C ARG A 319 -29.38 10.41 13.95
N HIS A 320 -28.48 10.41 12.98
CA HIS A 320 -28.64 11.18 11.79
C HIS A 320 -28.57 10.41 10.52
N GLY A 321 -28.65 11.15 9.43
CA GLY A 321 -28.78 10.58 8.10
C GLY A 321 -30.25 10.36 7.81
N PRO A 322 -30.55 9.62 6.70
CA PRO A 322 -29.60 8.92 5.88
C PRO A 322 -28.73 9.86 5.03
N PHE A 323 -27.56 9.35 4.61
CA PHE A 323 -26.69 10.12 3.73
C PHE A 323 -26.36 9.36 2.45
N ASP A 324 -26.29 10.09 1.34
CA ASP A 324 -25.79 9.59 0.03
C ASP A 324 -24.33 9.96 -0.19
N ALA A 325 -23.85 10.98 0.51
CA ALA A 325 -22.49 11.47 0.37
C ALA A 325 -22.03 12.12 1.67
N VAL A 326 -20.72 12.03 1.89
CA VAL A 326 -19.99 12.64 3.00
C VAL A 326 -18.91 13.49 2.33
N ILE A 327 -18.82 14.76 2.74
CA ILE A 327 -17.85 15.67 2.20
C ILE A 327 -16.74 16.00 3.25
N ASP A 328 -15.51 15.84 2.82
CA ASP A 328 -14.31 16.37 3.54
C ASP A 328 -14.30 17.90 3.34
N GLY A 329 -14.90 18.63 4.29
CA GLY A 329 -15.14 20.02 4.10
C GLY A 329 -13.86 20.85 3.96
N ALA A 330 -12.84 20.51 4.72
CA ALA A 330 -11.57 21.29 4.68
C ALA A 330 -10.95 21.07 3.30
N ASN A 331 -10.97 19.82 2.80
CA ASN A 331 -10.38 19.58 1.50
C ASN A 331 -11.18 20.32 0.37
N MET A 332 -12.51 20.33 0.45
CA MET A 332 -13.32 21.05 -0.56
C MET A 332 -13.10 22.56 -0.52
N GLY A 333 -12.88 23.11 0.66
CA GLY A 333 -12.55 24.52 0.75
C GLY A 333 -11.17 24.91 0.23
N LEU A 334 -10.22 23.98 0.27
CA LEU A 334 -8.81 24.34 0.12
C LEU A 334 -8.16 23.80 -1.18
N VAL A 335 -8.68 22.73 -1.77
CA VAL A 335 -7.93 22.10 -2.89
C VAL A 335 -7.89 23.08 -4.07
N ASN A 336 -6.67 23.30 -4.60
CA ASN A 336 -6.39 24.26 -5.66
C ASN A 336 -6.67 25.72 -5.33
N GLN A 337 -6.84 26.06 -4.04
CA GLN A 337 -7.19 27.39 -3.63
C GLN A 337 -6.03 28.06 -2.88
N ARG A 338 -5.84 29.36 -3.14
CA ARG A 338 -4.93 30.17 -2.38
C ARG A 338 -5.36 30.24 -0.89
N SER A 339 -6.65 30.28 -0.62
CA SER A 339 -7.17 30.20 0.75
C SER A 339 -8.59 29.65 0.73
N PHE A 340 -9.12 29.31 1.91
CA PHE A 340 -10.41 28.60 2.01
C PHE A 340 -11.49 29.24 1.14
N SER A 341 -12.12 28.43 0.31
CA SER A 341 -13.13 28.94 -0.62
C SER A 341 -14.49 28.40 -0.21
N PHE A 342 -15.28 29.27 0.42
CA PHE A 342 -16.66 28.91 0.72
C PHE A 342 -17.40 28.56 -0.58
N PHE A 343 -17.13 29.32 -1.65
CA PHE A 343 -17.78 29.06 -2.96
C PHE A 343 -17.58 27.60 -3.34
N GLN A 344 -16.33 27.11 -3.24
CA GLN A 344 -16.05 25.75 -3.70
C GLN A 344 -16.74 24.72 -2.82
N LEU A 345 -16.73 24.95 -1.49
CA LEU A 345 -17.41 24.04 -0.57
C LEU A 345 -18.93 24.02 -0.89
N ASN A 346 -19.52 25.21 -1.01
CA ASN A 346 -20.97 25.33 -1.19
C ASN A 346 -21.38 24.73 -2.56
N ASN A 347 -20.58 25.02 -3.59
CA ASN A 347 -20.89 24.48 -4.91
C ASN A 347 -20.86 22.95 -4.87
N THR A 348 -19.92 22.40 -4.13
CA THR A 348 -19.80 20.95 -3.99
C THR A 348 -21.00 20.37 -3.22
N VAL A 349 -21.41 21.05 -2.13
CA VAL A 349 -22.65 20.67 -1.41
C VAL A 349 -23.85 20.65 -2.38
N GLN A 350 -24.05 21.73 -3.11
CA GLN A 350 -25.18 21.82 -4.01
C GLN A 350 -25.16 20.73 -5.09
N ARG A 351 -23.96 20.46 -5.62
CA ARG A 351 -23.79 19.46 -6.67
CA ARG A 351 -23.86 19.50 -6.70
C ARG A 351 -24.10 18.06 -6.18
N CYS A 352 -23.64 17.74 -4.95
CA CYS A 352 -23.93 16.44 -4.34
C CYS A 352 -25.45 16.30 -4.12
N GLN A 353 -26.11 17.35 -3.62
CA GLN A 353 -27.53 17.32 -3.38
C GLN A 353 -28.26 17.12 -4.73
N GLN A 354 -27.77 17.77 -5.78
CA GLN A 354 -28.40 17.60 -7.11
C GLN A 354 -28.31 16.17 -7.65
N ILE A 355 -27.22 15.47 -7.42
CA ILE A 355 -27.12 14.10 -7.90
C ILE A 355 -27.75 13.04 -6.99
N SER A 356 -28.04 13.41 -5.76
CA SER A 356 -28.77 12.51 -4.84
C SER A 356 -30.18 12.27 -5.41
N PRO A 357 -30.57 10.99 -5.57
CA PRO A 357 -31.90 10.75 -6.17
C PRO A 357 -33.05 11.44 -5.42
N SER A 358 -32.97 11.55 -4.10
CA SER A 358 -34.02 12.18 -3.31
C SER A 358 -33.62 13.59 -2.77
N LYS A 359 -32.55 14.13 -3.32
CA LYS A 359 -32.08 15.48 -3.01
C LYS A 359 -31.65 15.63 -1.54
N ARG A 360 -30.97 14.61 -1.05
CA ARG A 360 -30.38 14.67 0.29
C ARG A 360 -29.18 15.61 0.31
N LEU A 361 -29.12 16.51 1.28
CA LEU A 361 -27.83 17.20 1.57
C LEU A 361 -26.77 16.16 1.96
N PRO A 362 -25.54 16.37 1.51
CA PRO A 362 -24.39 15.59 1.97
C PRO A 362 -24.03 15.92 3.41
N LEU A 363 -23.44 14.96 4.09
CA LEU A 363 -22.88 15.23 5.42
C LEU A 363 -21.53 15.98 5.31
N VAL A 364 -21.50 17.24 5.72
CA VAL A 364 -20.29 18.04 5.70
C VAL A 364 -19.54 17.87 7.03
N ILE A 365 -18.30 17.38 6.96
CA ILE A 365 -17.40 17.30 8.09
C ILE A 365 -16.42 18.48 8.01
N LEU A 366 -16.47 19.35 9.02
CA LEU A 366 -15.63 20.57 9.08
C LEU A 366 -15.17 20.80 10.51
N HIS A 367 -13.95 21.32 10.69
CA HIS A 367 -13.52 21.78 12.02
C HIS A 367 -14.36 22.89 12.57
N LYS A 368 -14.67 22.79 13.85
CA LYS A 368 -15.47 23.83 14.50
C LYS A 368 -14.82 25.21 14.31
N SER A 369 -13.49 25.25 14.33
CA SER A 369 -12.77 26.51 14.18
C SER A 369 -13.07 27.13 12.80
N ARG A 370 -13.30 26.27 11.79
CA ARG A 370 -13.71 26.74 10.45
C ARG A 370 -15.19 27.15 10.37
N VAL A 371 -16.06 26.47 11.11
CA VAL A 371 -17.50 26.86 11.12
C VAL A 371 -17.68 28.27 11.72
N ASN A 372 -16.69 28.72 12.53
CA ASN A 372 -16.71 30.05 13.18
C ASN A 372 -15.46 30.92 12.90
N GLY A 373 -14.71 30.62 11.84
CA GLY A 373 -13.54 31.43 11.45
C GLY A 373 -13.70 31.96 10.03
N GLY A 374 -12.77 31.61 9.15
CA GLY A 374 -12.75 32.08 7.73
C GLY A 374 -13.92 31.74 6.78
N PRO A 375 -14.46 30.50 6.82
CA PRO A 375 -15.76 30.14 6.15
C PRO A 375 -17.02 30.84 6.71
N ALA A 376 -16.99 31.29 7.95
CA ALA A 376 -18.13 32.02 8.49
C ALA A 376 -17.85 33.54 8.55
N THR A 377 -16.94 34.01 7.69
CA THR A 377 -16.60 35.43 7.63
C THR A 377 -17.78 36.32 7.21
N TYR A 378 -18.55 35.88 6.21
CA TYR A 378 -19.65 36.70 5.69
C TYR A 378 -20.95 36.19 6.28
N PRO A 379 -21.84 37.09 6.76
CA PRO A 379 -23.01 36.58 7.53
C PRO A 379 -23.91 35.55 6.83
N LYS A 380 -24.16 35.68 5.52
CA LYS A 380 -25.00 34.67 4.84
C LYS A 380 -24.30 33.32 4.78
N ASN A 381 -22.96 33.33 4.75
CA ASN A 381 -22.22 32.03 4.77
C ASN A 381 -22.32 31.37 6.12
N ARG A 382 -22.14 32.16 7.15
CA ARG A 382 -22.30 31.65 8.52
C ARG A 382 -23.71 31.10 8.72
N ALA A 383 -24.74 31.81 8.22
CA ALA A 383 -26.14 31.37 8.38
C ALA A 383 -26.35 30.06 7.62
N LEU A 384 -25.76 29.94 6.45
CA LEU A 384 -25.86 28.68 5.70
C LEU A 384 -25.18 27.48 6.42
N LEU A 385 -24.00 27.69 6.99
CA LEU A 385 -23.33 26.63 7.74
C LEU A 385 -24.25 26.17 8.89
N GLU A 386 -24.91 27.13 9.54
CA GLU A 386 -25.77 26.82 10.65
C GLU A 386 -27.05 26.11 10.15
N LYS A 387 -27.50 26.52 8.96
CA LYS A 387 -28.64 25.87 8.32
C LYS A 387 -28.34 24.40 8.01
N TRP A 388 -27.18 24.12 7.43
CA TRP A 388 -26.77 22.73 7.20
C TRP A 388 -26.75 21.93 8.51
N LYS A 389 -26.14 22.49 9.54
CA LYS A 389 -26.14 21.85 10.85
C LYS A 389 -27.57 21.55 11.32
N ASN A 390 -28.43 22.55 11.21
CA ASN A 390 -29.84 22.39 11.61
C ASN A 390 -30.67 21.39 10.74
N ALA A 391 -30.19 21.13 9.54
CA ALA A 391 -30.74 20.12 8.62
C ALA A 391 -30.16 18.72 8.92
N GLY A 392 -29.28 18.59 9.94
CA GLY A 392 -28.62 17.29 10.24
C GLY A 392 -27.54 16.92 9.24
N ALA A 393 -26.95 17.92 8.58
CA ALA A 393 -26.03 17.68 7.47
C ALA A 393 -24.63 18.31 7.70
N LEU A 394 -24.29 18.62 8.93
CA LEU A 394 -22.96 19.13 9.23
C LEU A 394 -22.59 18.71 10.62
N TYR A 395 -21.37 18.21 10.77
CA TYR A 395 -20.80 17.94 12.07
C TYR A 395 -19.46 18.68 12.16
N ALA A 396 -19.36 19.52 13.16
CA ALA A 396 -18.16 20.29 13.44
C ALA A 396 -17.29 19.54 14.44
N THR A 397 -16.16 19.07 13.97
CA THR A 397 -15.24 18.27 14.81
C THR A 397 -14.50 19.16 15.82
N PRO A 398 -14.20 18.61 17.00
CA PRO A 398 -13.68 19.40 18.12
C PRO A 398 -12.24 19.86 17.93
N PRO A 399 -11.81 20.95 18.63
CA PRO A 399 -10.40 21.34 18.50
C PRO A 399 -9.44 20.20 18.82
N GLY A 400 -8.38 20.07 18.02
CA GLY A 400 -7.39 19.03 18.20
C GLY A 400 -7.74 17.72 17.52
N SER A 401 -8.94 17.60 16.96
CA SER A 401 -9.31 16.34 16.31
C SER A 401 -8.67 16.30 14.92
N ASN A 402 -8.42 15.09 14.45
CA ASN A 402 -8.03 14.88 13.07
C ASN A 402 -9.30 14.48 12.32
N ASP A 403 -9.83 15.41 11.52
CA ASP A 403 -11.11 15.12 10.96
CA ASP A 403 -11.10 15.17 10.82
C ASP A 403 -11.14 13.94 9.96
N ASP A 404 -9.98 13.51 9.48
CA ASP A 404 -9.95 12.38 8.54
C ASP A 404 -10.63 11.14 9.13
N TRP A 405 -10.48 10.88 10.43
CA TRP A 405 -11.14 9.71 11.03
C TRP A 405 -12.65 9.79 10.93
N TYR A 406 -13.17 11.02 11.01
CA TYR A 406 -14.59 11.30 11.06
C TYR A 406 -15.24 11.13 9.68
N TRP A 407 -14.73 11.78 8.66
CA TRP A 407 -15.29 11.57 7.33
C TRP A 407 -15.09 10.14 6.78
N LEU A 408 -13.99 9.51 7.15
CA LEU A 408 -13.77 8.10 6.73
C LEU A 408 -14.81 7.21 7.42
N TYR A 409 -14.93 7.33 8.74
CA TYR A 409 -15.88 6.49 9.46
C TYR A 409 -17.31 6.73 8.97
N ALA A 410 -17.65 7.99 8.71
CA ALA A 410 -19.01 8.29 8.21
C ALA A 410 -19.30 7.63 6.86
N ALA A 411 -18.38 7.71 5.89
CA ALA A 411 -18.63 7.18 4.57
C ALA A 411 -18.67 5.65 4.64
N VAL A 412 -17.81 5.06 5.45
CA VAL A 412 -17.78 3.60 5.60
C VAL A 412 -19.07 3.13 6.25
N SER A 413 -19.45 3.80 7.32
CA SER A 413 -20.64 3.42 8.09
C SER A 413 -21.96 3.62 7.36
N CYS A 414 -22.05 4.71 6.59
CA CYS A 414 -23.23 5.01 5.80
C CYS A 414 -23.24 4.34 4.43
N LYS A 415 -22.14 3.65 4.12
CA LYS A 415 -22.00 2.91 2.85
C LYS A 415 -22.29 3.85 1.69
N CYS A 416 -21.64 5.01 1.69
CA CYS A 416 -22.01 6.05 0.74
C CYS A 416 -20.79 6.69 0.09
N LEU A 417 -21.03 7.64 -0.79
CA LEU A 417 -19.92 8.32 -1.48
C LEU A 417 -19.10 9.18 -0.53
N LEU A 418 -17.81 9.28 -0.79
CA LEU A 418 -16.89 10.09 0.02
C LEU A 418 -16.24 11.11 -0.92
N VAL A 419 -16.52 12.39 -0.68
CA VAL A 419 -16.10 13.47 -1.55
C VAL A 419 -14.84 14.11 -0.95
N THR A 420 -13.68 13.78 -1.52
CA THR A 420 -12.42 14.37 -1.12
C THR A 420 -11.42 14.20 -2.24
N ASN A 421 -10.50 15.18 -2.35
CA ASN A 421 -9.32 15.03 -3.22
C ASN A 421 -8.09 14.66 -2.44
N ASP A 422 -8.21 14.43 -1.14
CA ASP A 422 -7.09 13.89 -0.35
C ASP A 422 -6.61 12.56 -1.02
N GLU A 423 -5.32 12.45 -1.20
CA GLU A 423 -4.71 11.22 -1.75
C GLU A 423 -4.96 9.96 -0.91
N MET A 424 -5.00 10.10 0.42
CA MET A 424 -5.44 9.02 1.29
C MET A 424 -4.40 7.88 1.29
N ARG A 425 -3.12 8.28 1.15
CA ARG A 425 -2.04 7.31 1.05
C ARG A 425 -0.93 7.54 2.09
N ASP A 426 -0.76 8.77 2.57
CA ASP A 426 0.32 9.04 3.54
C ASP A 426 -0.06 8.84 5.05
N HIS A 427 0.94 8.86 5.92
CA HIS A 427 0.73 8.91 7.37
C HIS A 427 -0.31 7.96 7.93
N LEU A 428 -1.43 8.49 8.43
CA LEU A 428 -2.47 7.66 9.04
C LEU A 428 -3.08 6.72 8.03
N PHE A 429 -3.08 7.07 6.74
CA PHE A 429 -3.77 6.20 5.78
C PHE A 429 -2.97 4.91 5.56
N GLN A 430 -1.66 4.94 5.83
CA GLN A 430 -0.85 3.73 5.74
C GLN A 430 -1.33 2.70 6.73
N LEU A 431 -1.87 3.16 7.87
CA LEU A 431 -2.39 2.24 8.90
C LEU A 431 -3.58 1.37 8.41
N LEU A 432 -4.23 1.82 7.34
CA LEU A 432 -5.46 1.21 6.87
C LEU A 432 -5.19 0.05 5.94
N GLY A 433 -3.92 -0.19 5.58
CA GLY A 433 -3.53 -1.37 4.78
C GLY A 433 -3.68 -1.17 3.26
N ASN A 434 -3.21 -2.16 2.48
CA ASN A 434 -3.12 -1.97 1.00
CA ASN A 434 -3.00 -2.09 1.03
C ASN A 434 -3.87 -3.04 0.21
N SER A 435 -4.89 -3.62 0.83
CA SER A 435 -5.80 -4.47 0.11
C SER A 435 -7.22 -3.92 0.21
N PHE A 436 -7.85 -4.07 1.38
CA PHE A 436 -9.26 -3.70 1.40
C PHE A 436 -9.42 -2.21 1.12
N PHE A 437 -8.66 -1.38 1.80
CA PHE A 437 -8.92 0.05 1.70
C PHE A 437 -8.80 0.63 0.27
N PRO A 438 -7.78 0.22 -0.52
CA PRO A 438 -7.72 0.72 -1.92
C PRO A 438 -8.92 0.29 -2.76
N ARG A 439 -9.43 -0.91 -2.54
CA ARG A 439 -10.64 -1.34 -3.24
C ARG A 439 -11.87 -0.53 -2.83
N TRP A 440 -11.99 -0.25 -1.53
CA TRP A 440 -13.08 0.53 -1.03
C TRP A 440 -13.03 1.95 -1.57
N LYS A 441 -11.84 2.52 -1.57
CA LYS A 441 -11.63 3.88 -2.04
C LYS A 441 -12.06 4.00 -3.52
N GLU A 442 -11.70 3.02 -4.33
CA GLU A 442 -12.07 3.08 -5.72
C GLU A 442 -13.60 3.13 -5.90
N LYS A 443 -14.33 2.34 -5.13
CA LYS A 443 -15.78 2.27 -5.25
C LYS A 443 -16.51 3.46 -4.63
N HIS A 444 -15.88 4.19 -3.72
CA HIS A 444 -16.58 5.24 -2.94
C HIS A 444 -16.10 6.67 -3.13
N GLN A 445 -14.85 6.87 -3.54
CA GLN A 445 -14.28 8.21 -3.59
C GLN A 445 -14.72 8.98 -4.82
N VAL A 446 -15.21 10.18 -4.56
CA VAL A 446 -15.56 11.16 -5.59
C VAL A 446 -14.56 12.31 -5.45
N ARG A 447 -13.99 12.73 -6.57
CA ARG A 447 -13.05 13.87 -6.59
C ARG A 447 -13.58 14.99 -7.43
N ILE A 448 -13.25 16.21 -7.06
CA ILE A 448 -13.63 17.39 -7.86
C ILE A 448 -12.52 17.72 -8.87
N SER A 449 -12.92 18.23 -10.01
CA SER A 449 -11.98 18.88 -10.95
C SER A 449 -12.64 20.18 -11.44
N VAL A 450 -11.83 21.09 -11.94
CA VAL A 450 -12.36 22.38 -12.37
C VAL A 450 -11.77 22.72 -13.74
N THR A 451 -12.58 23.29 -14.63
CA THR A 451 -12.03 23.86 -15.86
C THR A 451 -12.55 25.26 -16.00
N ARG A 452 -11.87 26.02 -16.87
CA ARG A 452 -12.31 27.39 -17.17
C ARG A 452 -13.66 27.35 -17.88
N GLU A 453 -13.78 26.47 -18.87
CA GLU A 453 -14.98 26.48 -19.69
CA GLU A 453 -14.97 26.42 -19.71
C GLU A 453 -16.22 26.08 -18.90
N ASP A 454 -16.10 25.08 -18.00
CA ASP A 454 -17.27 24.49 -17.38
C ASP A 454 -17.49 24.71 -15.86
N GLY A 455 -16.45 25.12 -15.16
CA GLY A 455 -16.53 25.16 -13.69
C GLY A 455 -16.23 23.79 -13.09
N LEU A 456 -16.94 23.50 -12.00
CA LEU A 456 -16.64 22.33 -11.17
C LEU A 456 -17.35 21.09 -11.69
N LYS A 457 -16.65 19.97 -11.60
CA LYS A 457 -17.17 18.65 -11.98
C LYS A 457 -16.91 17.65 -10.87
N LEU A 458 -17.88 16.79 -10.58
CA LEU A 458 -17.66 15.65 -9.68
C LEU A 458 -17.30 14.46 -10.54
N ASN A 459 -16.17 13.84 -10.23
CA ASN A 459 -15.70 12.67 -10.92
C ASN A 459 -16.07 11.44 -10.13
N MET A 460 -16.93 10.61 -10.71
CA MET A 460 -17.56 9.53 -9.95
C MET A 460 -16.67 8.27 -9.99
N PRO A 461 -16.90 7.32 -9.07
CA PRO A 461 -16.20 6.05 -9.14
C PRO A 461 -16.38 5.36 -10.49
N PRO A 462 -15.35 4.63 -10.94
CA PRO A 462 -15.45 3.98 -12.25
C PRO A 462 -16.45 2.83 -12.20
N PRO A 463 -17.12 2.51 -13.32
CA PRO A 463 -18.08 1.38 -13.38
C PRO A 463 -17.40 0.03 -13.56
N TYR A 464 -16.09 -0.02 -13.35
CA TYR A 464 -15.33 -1.28 -13.53
C TYR A 464 -14.19 -1.18 -12.55
N SER A 465 -13.47 -2.27 -12.30
CA SER A 465 -12.38 -2.26 -11.30
C SER A 465 -11.04 -2.10 -12.00
N ILE A 466 -10.26 -1.13 -11.53
CA ILE A 466 -8.98 -0.82 -12.11
C ILE A 466 -7.96 -1.72 -11.43
N VAL A 467 -7.81 -2.90 -11.99
CA VAL A 467 -6.97 -3.98 -11.43
C VAL A 467 -6.57 -4.87 -12.61
N ILE A 468 -5.47 -5.58 -12.47
CA ILE A 468 -5.05 -6.61 -13.42
C ILE A 468 -6.25 -7.54 -13.56
N GLN A 469 -6.69 -7.78 -14.79
CA GLN A 469 -7.78 -8.75 -15.02
C GLN A 469 -7.37 -9.82 -16.03
N GLU A 470 -7.85 -11.04 -15.79
CA GLU A 470 -7.62 -12.20 -16.64
C GLU A 470 -9.00 -12.68 -17.05
N SER A 471 -9.27 -12.73 -18.35
CA SER A 471 -10.61 -13.06 -18.83
C SER A 471 -10.77 -14.59 -18.92
N GLU A 472 -12.01 -15.05 -19.08
CA GLU A 472 -12.29 -16.47 -19.16
C GLU A 472 -11.62 -17.12 -20.36
N ASP A 473 -11.30 -16.35 -21.40
CA ASP A 473 -10.57 -16.92 -22.54
C ASP A 473 -9.04 -16.73 -22.46
N GLY A 474 -8.54 -16.20 -21.36
CA GLY A 474 -7.09 -16.09 -21.14
C GLY A 474 -6.48 -14.75 -21.53
N THR A 475 -7.33 -13.77 -21.89
CA THR A 475 -6.87 -12.41 -22.22
C THR A 475 -6.55 -11.61 -20.96
N TRP A 476 -5.48 -10.82 -20.99
CA TRP A 476 -5.02 -10.05 -19.85
C TRP A 476 -5.11 -8.57 -20.11
N HIS A 477 -5.55 -7.85 -19.08
CA HIS A 477 -5.50 -6.38 -19.07
C HIS A 477 -4.77 -5.96 -17.83
N VAL A 478 -3.67 -5.22 -17.99
CA VAL A 478 -2.83 -4.80 -16.86
C VAL A 478 -2.75 -3.26 -16.79
N PRO A 479 -3.29 -2.66 -15.71
CA PRO A 479 -3.19 -1.22 -15.54
C PRO A 479 -1.90 -0.79 -14.87
N MET A 480 -1.35 0.32 -15.38
CA MET A 480 -0.22 0.99 -14.73
C MET A 480 -0.76 1.85 -13.57
N SER A 481 0.03 1.95 -12.51
CA SER A 481 -0.30 2.83 -11.39
C SER A 481 0.07 4.26 -11.85
N VAL A 482 -0.71 5.24 -11.43
CA VAL A 482 -0.41 6.64 -11.74
C VAL A 482 -0.73 7.54 -10.51
N GLU A 483 -0.09 8.72 -10.43
CA GLU A 483 -0.30 9.63 -9.27
C GLU A 483 -1.76 10.09 -9.24
N ASP A 484 -2.25 10.56 -10.38
CA ASP A 484 -3.58 11.16 -10.47
C ASP A 484 -4.20 10.77 -11.80
N ASP A 485 -5.14 9.83 -11.79
CA ASP A 485 -5.69 9.35 -13.07
C ASP A 485 -6.71 10.29 -13.73
N LEU A 486 -6.97 11.44 -13.08
CA LEU A 486 -7.75 12.53 -13.71
C LEU A 486 -6.82 13.49 -14.41
N GLN A 487 -5.64 13.68 -13.83
CA GLN A 487 -4.58 14.48 -14.45
C GLN A 487 -3.98 13.75 -15.66
N THR A 488 -3.60 12.47 -15.49
CA THR A 488 -2.94 11.71 -16.57
C THR A 488 -3.81 10.52 -17.03
N SER A 489 -3.85 10.27 -18.34
CA SER A 489 -4.66 9.19 -18.85
C SER A 489 -3.93 7.84 -18.53
N ARG A 490 -4.57 6.97 -17.77
CA ARG A 490 -3.90 5.75 -17.30
C ARG A 490 -3.61 4.75 -18.44
N GLN A 491 -2.36 4.31 -18.59
CA GLN A 491 -2.07 3.32 -19.65
CA GLN A 491 -2.03 3.31 -19.64
C GLN A 491 -2.33 1.90 -19.17
N TRP A 492 -2.74 1.04 -20.11
CA TRP A 492 -3.00 -0.36 -19.84
C TRP A 492 -2.27 -1.18 -20.84
N LEU A 493 -1.99 -2.43 -20.49
CA LEU A 493 -1.49 -3.38 -21.46
C LEU A 493 -2.65 -4.30 -21.81
N CYS A 494 -2.88 -4.50 -23.10
CA CYS A 494 -3.80 -5.54 -23.58
C CYS A 494 -2.99 -6.68 -24.21
N ALA A 495 -3.09 -7.88 -23.63
CA ALA A 495 -2.39 -9.06 -24.14
C ALA A 495 -3.40 -10.11 -24.50
N LYS A 496 -3.53 -10.40 -25.81
CA LYS A 496 -4.59 -11.27 -26.33
C LYS A 496 -3.93 -12.20 -27.37
N ARG A 497 -4.22 -13.49 -27.33
CA ARG A 497 -3.56 -14.46 -28.26
C ARG A 497 -4.05 -14.15 -29.66
N SER A 498 -3.10 -14.10 -30.62
CA SER A 498 -3.37 -13.78 -32.04
C SER A 498 -4.16 -14.84 -32.80
N LYS A 499 -4.29 -16.06 -32.27
CA LYS A 499 -5.01 -17.16 -32.97
C LYS A 499 -6.00 -17.89 -32.05
ZN ZN B . -7.97 -5.56 -24.69
CA CA C . -7.61 16.20 6.25
CA CA D . -30.29 13.97 6.57
CA CA E . -29.52 34.43 -0.14
CA CA F . -14.76 32.20 0.29
CA CA G . -32.16 5.49 -0.45
#